data_3HLL
#
_entry.id   3HLL
#
_cell.length_a   65.114
_cell.length_b   74.645
_cell.length_c   77.066
_cell.angle_alpha   90.00
_cell.angle_beta   90.00
_cell.angle_gamma   90.00
#
_symmetry.space_group_name_H-M   'P 21 21 21'
#
loop_
_entity.id
_entity.type
_entity.pdbx_description
1 polymer 'Mitogen-activated protein kinase 14'
2 non-polymer 3-{3-bromo-4-[(2,4-difluorobenzyl)oxy]-6-methyl-2-oxopyridin-1(2H)-yl}-N,4-dimethylbenzamide
3 non-polymer 2-fluoro-4-[4-(4-fluorophenyl)-1H-pyrazol-3-yl]pyridine
4 non-polymer HYPOPHOSPHITE
5 water water
#
_entity_poly.entity_id   1
_entity_poly.type   'polypeptide(L)'
_entity_poly.pdbx_seq_one_letter_code
;MSQERPTFYRQELNKTIWEVPERYQNLSPVGSGAYGSVCAAFDTKTGLRVAVKKLSRPFQSIIHAKRTYRELRLLKHMKH
ENVIGLLDVFTPARSLEEFNDVYLVTHLMGADLNNIVKCQKLTDDHVQFLIYQILRGLKYIHSADIIHRDLKPSNLAVNE
DCELKILDFGLARHTDDEMTGYVATRWYRAPEIMLNWMHYNQTVDIWSVGCIMAELLTGRTLFPGTDHIDQLKLILRLVG
TPGAELLKKISSESARNYIQSLTQMPKMNFANVFIGANPLAVDLLEKMLVLDSDKRITAAQALAHAYFAQYHDPDDEPVA
DPYDQSFESRDLLIDEWKSLTYDEVISFVPPPLDQEEMES
;
_entity_poly.pdbx_strand_id   A
#
# COMPACT_ATOMS: atom_id res chain seq x y z
N ARG A 5 13.91 8.39 30.39
CA ARG A 5 13.56 7.18 29.58
C ARG A 5 12.47 6.40 30.31
N PRO A 6 11.54 5.77 29.56
CA PRO A 6 10.57 4.89 30.21
C PRO A 6 11.19 3.57 30.68
N THR A 7 10.47 2.83 31.52
CA THR A 7 10.91 1.50 31.95
C THR A 7 10.47 0.47 30.92
N PHE A 8 11.41 -0.36 30.47
CA PHE A 8 11.12 -1.40 29.49
C PHE A 8 10.94 -2.73 30.20
N TYR A 9 10.11 -3.59 29.63
CA TYR A 9 9.99 -4.98 30.09
C TYR A 9 10.09 -5.92 28.91
N ARG A 10 10.57 -7.13 29.18
CA ARG A 10 10.99 -8.08 28.16
C ARG A 10 10.14 -9.33 28.15
N GLN A 11 9.85 -9.86 26.97
CA GLN A 11 9.15 -11.14 26.84
C GLN A 11 9.40 -11.81 25.50
N GLU A 12 9.11 -13.11 25.43
CA GLU A 12 9.24 -13.88 24.20
C GLU A 12 7.87 -14.25 23.66
N LEU A 13 7.66 -14.00 22.37
CA LEU A 13 6.40 -14.31 21.69
C LEU A 13 6.68 -14.98 20.35
N ASN A 14 6.42 -16.28 20.26
CA ASN A 14 6.68 -17.06 19.05
C ASN A 14 8.15 -16.92 18.62
N LYS A 15 9.06 -17.41 19.48
CA LYS A 15 10.52 -17.36 19.24
C LYS A 15 11.11 -15.93 19.23
N THR A 16 10.28 -14.91 19.04
CA THR A 16 10.75 -13.53 18.95
C THR A 16 10.75 -12.84 20.32
N ILE A 17 11.83 -12.12 20.62
CA ILE A 17 11.94 -11.33 21.86
C ILE A 17 11.37 -9.92 21.63
N TRP A 18 10.64 -9.41 22.62
CA TRP A 18 10.01 -8.10 22.55
C TRP A 18 10.33 -7.30 23.80
N GLU A 19 11.01 -6.18 23.62
CA GLU A 19 11.37 -5.29 24.71
C GLU A 19 10.70 -3.96 24.45
N VAL A 20 9.60 -3.72 25.17
CA VAL A 20 8.75 -2.56 24.95
C VAL A 20 8.55 -1.80 26.27
N PRO A 21 8.34 -0.46 26.19
CA PRO A 21 8.02 0.31 27.39
C PRO A 21 6.76 -0.19 28.11
N GLU A 22 6.76 -0.10 29.44
CA GLU A 22 5.66 -0.62 30.23
C GLU A 22 4.30 -0.01 29.87
N ARG A 23 4.29 1.16 29.23
CA ARG A 23 3.03 1.75 28.77
C ARG A 23 2.20 0.82 27.85
N TYR A 24 2.86 -0.06 27.10
CA TYR A 24 2.18 -0.98 26.19
C TYR A 24 2.00 -2.34 26.86
N GLN A 25 0.74 -2.76 27.00
CA GLN A 25 0.41 -3.98 27.76
C GLN A 25 -0.35 -5.01 26.94
N ASN A 26 -0.32 -6.26 27.40
CA ASN A 26 -1.09 -7.35 26.80
C ASN A 26 -0.80 -7.53 25.32
N LEU A 27 0.49 -7.60 25.00
CA LEU A 27 0.93 -7.84 23.63
C LEU A 27 0.40 -9.19 23.16
N SER A 28 -0.10 -9.25 21.94
CA SER A 28 -0.64 -10.48 21.35
C SER A 28 -0.25 -10.54 19.88
N PRO A 29 0.48 -11.58 19.47
CA PRO A 29 0.92 -11.64 18.07
C PRO A 29 -0.26 -11.62 17.09
N VAL A 30 -0.19 -10.75 16.09
CA VAL A 30 -1.23 -10.67 15.06
C VAL A 30 -0.67 -10.96 13.67
N GLY A 31 0.53 -11.55 13.61
CA GLY A 31 1.09 -12.06 12.36
C GLY A 31 2.38 -11.41 11.87
N SER A 32 3.17 -12.18 11.13
CA SER A 32 4.36 -11.69 10.44
C SER A 32 3.96 -11.20 9.05
N GLY A 33 4.57 -10.10 8.59
CA GLY A 33 4.23 -9.49 7.31
C GLY A 33 5.43 -9.16 6.43
N ALA A 34 6.48 -9.98 6.51
CA ALA A 34 7.72 -9.76 5.76
C ALA A 34 8.53 -8.57 6.34
N TYR A 35 9.75 -8.86 6.79
CA TYR A 35 10.64 -7.84 7.37
C TYR A 35 10.21 -7.36 8.79
N GLY A 36 9.36 -8.12 9.46
CA GLY A 36 8.87 -7.75 10.80
C GLY A 36 7.69 -8.52 11.32
N SER A 37 7.51 -8.45 12.65
CA SER A 37 6.40 -9.11 13.35
C SER A 37 5.54 -8.06 14.03
N VAL A 38 4.24 -8.34 14.15
CA VAL A 38 3.29 -7.40 14.72
C VAL A 38 2.53 -8.02 15.90
N CYS A 39 2.43 -7.24 16.97
CA CYS A 39 1.59 -7.56 18.12
C CYS A 39 0.49 -6.52 18.26
N ALA A 40 -0.70 -6.95 18.64
CA ALA A 40 -1.71 -6.02 19.14
C ALA A 40 -1.33 -5.73 20.58
N ALA A 41 -1.63 -4.53 21.05
CA ALA A 41 -1.35 -4.16 22.45
C ALA A 41 -2.31 -3.10 22.94
N PHE A 42 -2.29 -2.84 24.25
CA PHE A 42 -3.06 -1.76 24.85
C PHE A 42 -2.10 -0.68 25.34
N ASP A 43 -2.33 0.54 24.90
CA ASP A 43 -1.52 1.68 25.28
C ASP A 43 -2.15 2.37 26.50
N THR A 44 -1.51 2.22 27.64
CA THR A 44 -2.07 2.70 28.91
C THR A 44 -2.11 4.24 28.98
N LYS A 45 -1.20 4.89 28.25
CA LYS A 45 -1.11 6.34 28.22
C LYS A 45 -2.29 7.00 27.49
N THR A 46 -2.68 6.41 26.36
CA THR A 46 -3.73 6.97 25.54
C THR A 46 -5.08 6.33 25.83
N GLY A 47 -5.09 5.05 26.21
CA GLY A 47 -6.32 4.26 26.30
C GLY A 47 -6.66 3.55 24.99
N LEU A 48 -5.77 3.65 24.01
CA LEU A 48 -5.98 3.12 22.66
C LEU A 48 -5.46 1.69 22.48
N ARG A 49 -6.12 0.93 21.61
CA ARG A 49 -5.56 -0.33 21.10
C ARG A 49 -4.62 -0.01 19.95
N VAL A 50 -3.40 -0.55 20.04
CA VAL A 50 -2.34 -0.25 19.10
C VAL A 50 -1.74 -1.52 18.48
N ALA A 51 -1.12 -1.35 17.32
CA ALA A 51 -0.29 -2.38 16.72
C ALA A 51 1.18 -1.97 16.91
N VAL A 52 1.98 -2.91 17.39
CA VAL A 52 3.40 -2.67 17.56
C VAL A 52 4.15 -3.60 16.60
N LYS A 53 4.97 -3.01 15.73
CA LYS A 53 5.75 -3.76 14.75
C LYS A 53 7.22 -3.75 15.13
N LYS A 54 7.80 -4.93 15.31
CA LYS A 54 9.25 -5.05 15.55
C LYS A 54 9.92 -5.37 14.23
N LEU A 55 10.79 -4.49 13.78
CA LEU A 55 11.50 -4.74 12.51
C LEU A 55 12.43 -5.95 12.64
N SER A 56 12.46 -6.77 11.60
CA SER A 56 13.33 -7.95 11.57
C SER A 56 14.68 -7.51 11.04
N ARG A 57 15.73 -7.77 11.80
CA ARG A 57 17.10 -7.60 11.31
C ARG A 57 17.26 -6.28 10.57
N PRO A 58 16.97 -5.15 11.26
CA PRO A 58 16.89 -3.88 10.54
C PRO A 58 18.19 -3.48 9.87
N PHE A 59 19.33 -3.95 10.39
CA PHE A 59 20.66 -3.56 9.90
C PHE A 59 21.54 -4.73 9.42
N GLN A 60 20.90 -5.73 8.82
CA GLN A 60 21.56 -6.96 8.38
C GLN A 60 22.50 -6.69 7.20
N SER A 61 22.14 -5.70 6.41
CA SER A 61 22.88 -5.37 5.22
C SER A 61 22.59 -3.92 4.88
N ILE A 62 23.27 -3.41 3.86
CA ILE A 62 22.97 -2.04 3.40
C ILE A 62 21.52 -1.93 2.93
N ILE A 63 21.01 -2.96 2.25
CA ILE A 63 19.60 -2.97 1.77
C ILE A 63 18.59 -2.87 2.90
N HIS A 64 18.77 -3.68 3.92
CA HIS A 64 17.94 -3.66 5.10
C HIS A 64 18.05 -2.34 5.85
N ALA A 65 19.27 -1.85 6.06
CA ALA A 65 19.50 -0.57 6.77
C ALA A 65 18.81 0.58 6.03
N LYS A 66 18.99 0.64 4.72
CA LYS A 66 18.32 1.67 3.91
C LYS A 66 16.80 1.51 3.95
N ARG A 67 16.32 0.27 3.91
CA ARG A 67 14.88 -0.01 4.02
C ARG A 67 14.28 0.43 5.37
N THR A 68 14.98 0.11 6.45
CA THR A 68 14.59 0.54 7.79
C THR A 68 14.48 2.07 7.84
N TYR A 69 15.50 2.77 7.34
CA TYR A 69 15.46 4.23 7.29
C TYR A 69 14.26 4.73 6.49
N ARG A 70 14.07 4.19 5.28
CA ARG A 70 12.97 4.56 4.40
C ARG A 70 11.61 4.41 5.07
N GLU A 71 11.38 3.28 5.72
CA GLU A 71 10.08 3.03 6.34
C GLU A 71 9.84 4.00 7.50
N LEU A 72 10.88 4.25 8.31
CA LEU A 72 10.74 5.19 9.42
C LEU A 72 10.45 6.59 8.88
N ARG A 73 11.22 7.02 7.90
CA ARG A 73 11.00 8.32 7.24
C ARG A 73 9.59 8.48 6.64
N LEU A 74 9.12 7.46 5.94
CA LEU A 74 7.79 7.44 5.33
C LEU A 74 6.72 7.55 6.39
N LEU A 75 6.85 6.71 7.43
CA LEU A 75 5.86 6.67 8.52
C LEU A 75 5.80 7.96 9.36
N LYS A 76 6.95 8.58 9.58
CA LYS A 76 6.97 9.88 10.28
C LYS A 76 6.35 10.97 9.42
N HIS A 77 6.37 10.78 8.10
CA HIS A 77 5.82 11.78 7.20
C HIS A 77 4.29 11.69 7.04
N MET A 78 3.75 10.49 7.03
CA MET A 78 2.36 10.29 6.70
C MET A 78 1.43 10.70 7.83
N LYS A 79 0.68 11.76 7.60
CA LYS A 79 -0.32 12.23 8.55
C LYS A 79 -1.65 12.44 7.84
N HIS A 80 -2.39 11.34 7.68
CA HIS A 80 -3.62 11.35 6.93
C HIS A 80 -4.52 10.21 7.40
N GLU A 81 -5.83 10.46 7.44
CA GLU A 81 -6.78 9.51 8.04
C GLU A 81 -6.80 8.13 7.38
N ASN A 82 -6.49 8.09 6.08
CA ASN A 82 -6.49 6.86 5.29
C ASN A 82 -5.09 6.33 4.97
N VAL A 83 -4.09 6.76 5.73
CA VAL A 83 -2.74 6.26 5.59
C VAL A 83 -2.20 5.93 6.99
N ILE A 84 -1.56 4.78 7.12
CA ILE A 84 -0.99 4.38 8.39
C ILE A 84 0.10 5.37 8.77
N GLY A 85 0.02 5.85 10.00
CA GLY A 85 0.97 6.80 10.55
C GLY A 85 1.53 6.32 11.87
N LEU A 86 2.39 7.14 12.46
CA LEU A 86 3.12 6.78 13.69
C LEU A 86 2.56 7.43 14.95
N LEU A 87 2.15 6.61 15.91
CA LEU A 87 1.88 7.06 17.28
C LEU A 87 3.15 7.14 18.13
N ASP A 88 4.12 6.28 17.84
CA ASP A 88 5.34 6.16 18.65
C ASP A 88 6.38 5.37 17.86
N VAL A 89 7.64 5.64 18.15
CA VAL A 89 8.75 4.81 17.69
C VAL A 89 9.78 4.75 18.81
N PHE A 90 10.30 3.56 19.05
CA PHE A 90 11.19 3.40 20.17
C PHE A 90 12.19 2.27 19.98
N THR A 91 13.26 2.36 20.75
CA THR A 91 14.24 1.29 20.82
C THR A 91 14.60 1.14 22.28
N PRO A 92 14.84 -0.10 22.73
CA PRO A 92 15.36 -0.31 24.07
C PRO A 92 16.82 0.13 24.23
N ALA A 93 17.55 0.32 23.13
CA ALA A 93 18.93 0.80 23.17
C ALA A 93 19.06 2.21 23.79
N ARG A 94 20.08 2.40 24.60
CA ARG A 94 20.28 3.68 25.27
C ARG A 94 21.38 4.53 24.61
N SER A 95 21.93 4.02 23.49
CA SER A 95 22.94 4.74 22.72
C SER A 95 23.00 4.21 21.28
N LEU A 96 23.75 4.90 20.43
CA LEU A 96 23.87 4.50 19.03
C LEU A 96 24.59 3.15 18.92
N GLU A 97 25.67 2.98 19.67
CA GLU A 97 26.42 1.71 19.60
C GLU A 97 25.59 0.51 20.03
N GLU A 98 24.65 0.73 20.96
CA GLU A 98 23.74 -0.31 21.45
C GLU A 98 22.49 -0.53 20.54
N PHE A 99 22.28 0.37 19.59
CA PHE A 99 21.09 0.36 18.72
C PHE A 99 21.06 -0.78 17.71
N ASN A 100 20.11 -1.70 17.86
CA ASN A 100 19.94 -2.79 16.88
C ASN A 100 18.49 -3.24 16.66
N ASP A 101 17.54 -2.53 17.27
CA ASP A 101 16.12 -2.90 17.18
C ASP A 101 15.26 -1.66 17.07
N VAL A 102 14.26 -1.72 16.20
CA VAL A 102 13.33 -0.64 15.98
C VAL A 102 11.90 -1.18 16.18
N TYR A 103 11.13 -0.50 17.04
CA TYR A 103 9.72 -0.78 17.18
C TYR A 103 8.90 0.42 16.70
N LEU A 104 7.83 0.12 15.97
CA LEU A 104 6.96 1.12 15.38
C LEU A 104 5.54 0.90 15.89
N VAL A 105 4.84 1.98 16.22
CA VAL A 105 3.52 1.84 16.82
C VAL A 105 2.46 2.69 16.10
N THR A 106 1.32 2.06 15.82
CA THR A 106 0.19 2.70 15.16
C THR A 106 -1.14 2.25 15.79
N HIS A 107 -2.23 2.95 15.43
CA HIS A 107 -3.58 2.58 15.87
C HIS A 107 -3.91 1.21 15.29
N LEU A 108 -4.39 0.29 16.11
CA LEU A 108 -4.82 -1.03 15.60
C LEU A 108 -6.10 -0.91 14.79
N MET A 109 -6.12 -1.58 13.64
CA MET A 109 -7.28 -1.63 12.77
C MET A 109 -7.94 -2.98 12.94
N GLY A 110 -7.18 -4.06 12.78
CA GLY A 110 -7.61 -5.39 13.19
C GLY A 110 -8.19 -6.28 12.12
N ALA A 111 -8.31 -5.77 10.89
CA ALA A 111 -8.70 -6.58 9.75
C ALA A 111 -8.07 -6.00 8.49
N ASP A 112 -8.20 -6.73 7.40
CA ASP A 112 -7.82 -6.24 6.08
C ASP A 112 -8.92 -6.52 5.07
N LEU A 113 -8.75 -6.03 3.84
CA LEU A 113 -9.77 -6.15 2.82
C LEU A 113 -10.05 -7.58 2.38
N ASN A 114 -9.07 -8.48 2.49
CA ASN A 114 -9.34 -9.91 2.28
C ASN A 114 -10.33 -10.41 3.32
N ASN A 115 -10.12 -10.00 4.57
CA ASN A 115 -10.98 -10.37 5.69
C ASN A 115 -12.42 -9.85 5.55
N ILE A 116 -12.65 -8.97 4.56
CA ILE A 116 -13.97 -8.38 4.28
C ILE A 116 -14.60 -8.88 2.97
N VAL A 117 -13.79 -9.03 1.91
CA VAL A 117 -14.26 -9.62 0.64
C VAL A 117 -14.69 -11.09 0.82
N LYS A 118 -14.10 -11.78 1.80
CA LYS A 118 -14.20 -13.23 1.91
C LYS A 118 -15.51 -13.65 2.58
N CYS A 119 -16.30 -14.44 1.84
CA CYS A 119 -17.59 -15.00 2.31
C CYS A 119 -18.72 -13.95 2.42
N GLN A 120 -18.38 -12.78 2.96
CA GLN A 120 -19.25 -11.60 2.91
C GLN A 120 -19.22 -11.01 1.51
N LYS A 121 -20.37 -10.58 1.02
CA LYS A 121 -20.48 -9.91 -0.29
C LYS A 121 -21.00 -8.47 -0.11
N LEU A 122 -20.14 -7.51 -0.43
CA LEU A 122 -20.39 -6.10 -0.10
C LEU A 122 -21.44 -5.48 -1.01
N THR A 123 -22.24 -4.58 -0.47
CA THR A 123 -23.15 -3.77 -1.27
C THR A 123 -22.35 -2.75 -2.07
N ASP A 124 -22.93 -2.24 -3.16
CA ASP A 124 -22.36 -1.13 -3.91
C ASP A 124 -22.01 0.05 -2.98
N ASP A 125 -22.84 0.29 -1.98
CA ASP A 125 -22.61 1.39 -1.04
C ASP A 125 -21.31 1.23 -0.22
N HIS A 126 -21.04 0.00 0.24
CA HIS A 126 -19.78 -0.28 0.92
C HIS A 126 -18.61 -0.15 -0.04
N VAL A 127 -18.77 -0.65 -1.26
CA VAL A 127 -17.72 -0.53 -2.27
C VAL A 127 -17.35 0.95 -2.50
N GLN A 128 -18.36 1.82 -2.63
CA GLN A 128 -18.13 3.25 -2.79
C GLN A 128 -17.28 3.82 -1.65
N PHE A 129 -17.60 3.44 -0.42
CA PHE A 129 -16.96 4.01 0.74
C PHE A 129 -15.54 3.50 0.89
N LEU A 130 -15.33 2.21 0.66
CA LEU A 130 -13.98 1.63 0.74
C LEU A 130 -13.06 2.18 -0.33
N ILE A 131 -13.52 2.18 -1.58
CA ILE A 131 -12.68 2.67 -2.68
C ILE A 131 -12.46 4.19 -2.58
N TYR A 132 -13.47 4.94 -2.16
CA TYR A 132 -13.32 6.37 -1.88
C TYR A 132 -12.12 6.59 -0.95
N GLN A 133 -12.09 5.82 0.13
CA GLN A 133 -11.05 5.98 1.14
C GLN A 133 -9.64 5.64 0.64
N ILE A 134 -9.52 4.60 -0.19
CA ILE A 134 -8.24 4.23 -0.81
C ILE A 134 -7.76 5.39 -1.69
N LEU A 135 -8.66 5.91 -2.52
CA LEU A 135 -8.33 7.00 -3.42
C LEU A 135 -7.97 8.27 -2.64
N ARG A 136 -8.61 8.47 -1.50
CA ARG A 136 -8.37 9.66 -0.70
C ARG A 136 -6.96 9.54 -0.13
N GLY A 137 -6.60 8.36 0.39
CA GLY A 137 -5.24 8.13 0.84
C GLY A 137 -4.22 8.19 -0.27
N LEU A 138 -4.56 7.66 -1.44
CA LEU A 138 -3.63 7.68 -2.57
C LEU A 138 -3.39 9.10 -3.07
N LYS A 139 -4.41 9.95 -3.06
CA LYS A 139 -4.23 11.33 -3.49
C LYS A 139 -3.11 11.93 -2.65
N TYR A 140 -3.17 11.67 -1.35
CA TYR A 140 -2.23 12.24 -0.39
C TYR A 140 -0.84 11.68 -0.63
N ILE A 141 -0.71 10.36 -0.72
CA ILE A 141 0.60 9.72 -0.91
C ILE A 141 1.22 10.18 -2.24
N HIS A 142 0.42 10.18 -3.30
CA HIS A 142 0.90 10.58 -4.63
C HIS A 142 1.36 12.05 -4.67
N SER A 143 0.73 12.91 -3.87
CA SER A 143 1.10 14.31 -3.77
C SER A 143 2.48 14.53 -3.15
N ALA A 144 2.97 13.53 -2.40
CA ALA A 144 4.32 13.54 -1.86
C ALA A 144 5.36 12.89 -2.80
N ASP A 145 4.94 12.59 -4.04
CA ASP A 145 5.80 11.94 -5.03
C ASP A 145 6.14 10.50 -4.60
N ILE A 146 5.23 9.85 -3.90
CA ILE A 146 5.40 8.48 -3.46
C ILE A 146 4.45 7.58 -4.26
N ILE A 147 4.96 6.44 -4.70
CA ILE A 147 4.15 5.43 -5.38
C ILE A 147 4.11 4.22 -4.47
N HIS A 148 2.92 3.66 -4.22
CA HIS A 148 2.82 2.50 -3.37
C HIS A 148 3.55 1.31 -4.01
N ARG A 149 3.10 0.97 -5.21
CA ARG A 149 3.64 -0.11 -6.05
C ARG A 149 3.13 -1.52 -5.75
N ASP A 150 2.65 -1.78 -4.54
CA ASP A 150 2.17 -3.13 -4.24
C ASP A 150 0.84 -3.11 -3.51
N LEU A 151 -0.06 -2.24 -3.95
CA LEU A 151 -1.41 -2.18 -3.39
C LEU A 151 -2.17 -3.48 -3.65
N LYS A 152 -2.70 -4.07 -2.59
CA LYS A 152 -3.50 -5.28 -2.68
C LYS A 152 -4.39 -5.34 -1.44
N PRO A 153 -5.43 -6.19 -1.45
CA PRO A 153 -6.34 -6.24 -0.30
C PRO A 153 -5.68 -6.43 1.06
N SER A 154 -4.61 -7.22 1.11
CA SER A 154 -3.92 -7.47 2.37
C SER A 154 -3.10 -6.28 2.90
N ASN A 155 -2.87 -5.25 2.05
CA ASN A 155 -2.20 -3.99 2.45
C ASN A 155 -3.21 -2.91 2.80
N LEU A 156 -4.48 -3.26 2.82
CA LEU A 156 -5.54 -2.29 3.12
C LEU A 156 -6.18 -2.74 4.44
N ALA A 157 -5.87 -2.00 5.50
CA ALA A 157 -6.36 -2.30 6.85
C ALA A 157 -7.73 -1.64 7.05
N VAL A 158 -8.66 -2.38 7.65
CA VAL A 158 -10.03 -1.92 7.85
C VAL A 158 -10.47 -2.24 9.28
N ASN A 159 -11.03 -1.26 9.97
CA ASN A 159 -11.51 -1.44 11.34
C ASN A 159 -13.02 -1.73 11.38
N GLU A 160 -13.57 -1.93 12.57
CA GLU A 160 -15.00 -2.29 12.70
C GLU A 160 -15.95 -1.17 12.22
N ASP A 161 -15.39 0.03 12.09
CA ASP A 161 -16.07 1.24 11.62
C ASP A 161 -16.08 1.34 10.08
N CYS A 162 -15.52 0.33 9.40
CA CYS A 162 -15.33 0.34 7.95
CA CYS A 162 -15.37 0.37 7.95
C CYS A 162 -14.41 1.48 7.51
N GLU A 163 -13.58 1.97 8.43
CA GLU A 163 -12.58 2.99 8.10
C GLU A 163 -11.32 2.28 7.63
N LEU A 164 -10.73 2.80 6.56
CA LEU A 164 -9.64 2.14 5.88
C LEU A 164 -8.35 2.96 5.88
N LYS A 165 -7.22 2.26 6.03
CA LYS A 165 -5.91 2.88 5.91
C LYS A 165 -5.01 2.03 5.02
N ILE A 166 -4.16 2.68 4.24
CA ILE A 166 -3.19 2.00 3.39
C ILE A 166 -1.95 1.68 4.24
N LEU A 167 -1.54 0.41 4.22
CA LEU A 167 -0.32 -0.06 4.85
C LEU A 167 0.77 -0.35 3.78
N ASP A 168 2.03 -0.36 4.21
CA ASP A 168 3.15 -0.91 3.40
C ASP A 168 3.45 -0.11 2.13
N PHE A 169 3.07 1.18 2.12
CA PHE A 169 3.36 2.05 0.97
C PHE A 169 4.86 2.35 0.89
N GLY A 170 5.31 2.62 -0.32
CA GLY A 170 6.64 3.17 -0.55
C GLY A 170 7.82 2.27 -0.24
N LEU A 171 7.55 1.03 0.19
CA LEU A 171 8.58 0.10 0.66
C LEU A 171 9.05 -0.82 -0.45
N VAL A 183 -3.71 -12.46 -1.17
CA VAL A 183 -2.37 -12.06 -0.62
C VAL A 183 -1.26 -12.12 -1.69
N ALA A 184 -1.50 -12.85 -2.79
CA ALA A 184 -0.50 -13.07 -3.84
C ALA A 184 -0.36 -11.85 -4.76
N THR A 185 0.62 -11.00 -4.43
CA THR A 185 0.74 -9.61 -4.94
C THR A 185 0.62 -9.36 -6.45
N ARG A 186 1.05 -10.34 -7.25
CA ARG A 186 1.12 -10.17 -8.73
C ARG A 186 -0.25 -9.98 -9.39
N TRP A 187 -1.32 -10.40 -8.73
CA TRP A 187 -2.67 -10.30 -9.28
C TRP A 187 -3.16 -8.86 -9.44
N TYR A 188 -2.60 -7.94 -8.65
CA TYR A 188 -3.00 -6.53 -8.63
C TYR A 188 -1.98 -5.60 -9.29
N ARG A 189 -0.92 -6.19 -9.83
CA ARG A 189 0.19 -5.46 -10.45
C ARG A 189 -0.16 -4.91 -11.84
N ALA A 190 0.21 -3.66 -12.08
CA ALA A 190 -0.02 -3.01 -13.37
C ALA A 190 0.73 -3.72 -14.51
N PRO A 191 0.10 -3.79 -15.70
CA PRO A 191 0.71 -4.56 -16.79
C PRO A 191 2.12 -4.10 -17.20
N GLU A 192 2.37 -2.79 -17.13
CA GLU A 192 3.68 -2.23 -17.44
C GLU A 192 4.77 -2.70 -16.50
N ILE A 193 4.40 -3.09 -15.28
CA ILE A 193 5.35 -3.66 -14.32
C ILE A 193 5.64 -5.14 -14.63
N MET A 194 4.62 -5.87 -15.09
CA MET A 194 4.78 -7.26 -15.54
C MET A 194 5.70 -7.35 -16.74
N LEU A 195 5.68 -6.30 -17.57
CA LEU A 195 6.56 -6.15 -18.73
C LEU A 195 7.97 -5.63 -18.40
N ASN A 196 8.19 -5.25 -17.13
CA ASN A 196 9.48 -4.74 -16.62
C ASN A 196 9.87 -3.29 -17.01
N TRP A 197 8.88 -2.42 -17.25
CA TRP A 197 9.15 -1.02 -17.62
C TRP A 197 9.66 -0.22 -16.42
N MET A 198 10.82 0.44 -16.55
CA MET A 198 11.38 1.20 -15.43
C MET A 198 10.83 2.62 -15.28
N HIS A 199 10.08 3.12 -16.26
CA HIS A 199 9.56 4.49 -16.22
C HIS A 199 8.06 4.59 -15.94
N TYR A 200 7.52 3.62 -15.23
CA TYR A 200 6.12 3.64 -14.81
C TYR A 200 5.80 4.86 -13.94
N ASN A 201 4.52 5.22 -13.92
CA ASN A 201 4.07 6.39 -13.15
C ASN A 201 3.18 5.97 -12.00
N GLN A 202 2.63 6.96 -11.33
CA GLN A 202 1.81 6.74 -10.14
C GLN A 202 0.53 5.97 -10.42
N THR A 203 0.04 6.00 -11.68
CA THR A 203 -1.19 5.28 -12.03
C THR A 203 -1.06 3.78 -11.97
N VAL A 204 0.16 3.29 -11.77
CA VAL A 204 0.43 1.91 -11.34
C VAL A 204 -0.50 1.54 -10.15
N ASP A 205 -0.68 2.47 -9.22
CA ASP A 205 -1.52 2.25 -8.05
C ASP A 205 -2.99 2.31 -8.40
N ILE A 206 -3.35 3.13 -9.39
CA ILE A 206 -4.73 3.19 -9.86
C ILE A 206 -5.15 1.88 -10.53
N TRP A 207 -4.26 1.26 -11.30
CA TRP A 207 -4.52 -0.10 -11.82
C TRP A 207 -4.91 -1.07 -10.69
N SER A 208 -4.09 -1.08 -9.66
CA SER A 208 -4.31 -1.94 -8.51
C SER A 208 -5.65 -1.66 -7.85
N VAL A 209 -6.01 -0.38 -7.70
CA VAL A 209 -7.32 -0.01 -7.15
C VAL A 209 -8.43 -0.59 -8.03
N GLY A 210 -8.27 -0.52 -9.35
CA GLY A 210 -9.26 -1.05 -10.27
C GLY A 210 -9.48 -2.55 -10.10
N CYS A 211 -8.38 -3.28 -9.93
CA CYS A 211 -8.42 -4.72 -9.68
C CYS A 211 -9.11 -5.04 -8.35
N ILE A 212 -8.78 -4.27 -7.31
CA ILE A 212 -9.40 -4.41 -6.00
C ILE A 212 -10.90 -4.09 -6.04
N MET A 213 -11.25 -2.97 -6.66
CA MET A 213 -12.67 -2.59 -6.78
C MET A 213 -13.48 -3.65 -7.54
N ALA A 214 -12.96 -4.13 -8.67
CA ALA A 214 -13.57 -5.23 -9.42
C ALA A 214 -13.83 -6.46 -8.53
N GLU A 215 -12.84 -6.85 -7.72
CA GLU A 215 -12.93 -8.00 -6.81
C GLU A 215 -14.03 -7.80 -5.75
N LEU A 216 -14.12 -6.60 -5.21
CA LEU A 216 -15.15 -6.26 -4.22
C LEU A 216 -16.55 -6.29 -4.83
N LEU A 217 -16.65 -5.91 -6.10
CA LEU A 217 -17.93 -5.92 -6.82
C LEU A 217 -18.34 -7.34 -7.21
N THR A 218 -17.39 -8.21 -7.57
CA THR A 218 -17.71 -9.52 -8.16
C THR A 218 -17.47 -10.72 -7.23
N GLY A 219 -16.71 -10.52 -6.16
CA GLY A 219 -16.28 -11.61 -5.30
C GLY A 219 -15.20 -12.52 -5.86
N ARG A 220 -14.57 -12.17 -6.98
CA ARG A 220 -13.42 -12.94 -7.47
C ARG A 220 -12.25 -12.10 -7.95
N THR A 221 -11.06 -12.67 -7.88
CA THR A 221 -9.87 -12.03 -8.39
C THR A 221 -10.06 -11.74 -9.87
N LEU A 222 -9.87 -10.50 -10.26
CA LEU A 222 -10.07 -10.11 -11.67
C LEU A 222 -9.04 -10.82 -12.57
N PHE A 223 -7.76 -10.80 -12.15
CA PHE A 223 -6.66 -11.40 -12.92
C PHE A 223 -5.79 -12.37 -12.09
N PRO A 224 -6.27 -13.60 -11.88
CA PRO A 224 -5.52 -14.60 -11.11
C PRO A 224 -4.36 -15.28 -11.88
N GLY A 225 -3.33 -14.52 -12.21
CA GLY A 225 -2.17 -15.06 -12.94
C GLY A 225 -1.31 -16.02 -12.14
N THR A 226 -0.81 -17.05 -12.83
CA THR A 226 0.06 -18.08 -12.23
C THR A 226 1.56 -17.73 -12.34
N ASP A 227 1.90 -16.79 -13.20
CA ASP A 227 3.25 -16.24 -13.32
C ASP A 227 3.17 -14.90 -14.08
N HIS A 228 4.30 -14.27 -14.36
CA HIS A 228 4.32 -12.96 -15.04
C HIS A 228 3.66 -13.01 -16.42
N ILE A 229 3.95 -14.06 -17.19
CA ILE A 229 3.43 -14.22 -18.55
C ILE A 229 1.93 -14.52 -18.55
N ASP A 230 1.50 -15.47 -17.73
CA ASP A 230 0.08 -15.77 -17.55
C ASP A 230 -0.74 -14.54 -17.08
N GLN A 231 -0.12 -13.71 -16.23
CA GLN A 231 -0.77 -12.51 -15.70
C GLN A 231 -1.07 -11.52 -16.83
N LEU A 232 -0.05 -11.25 -17.64
CA LEU A 232 -0.20 -10.42 -18.83
C LEU A 232 -1.33 -10.89 -19.75
N LYS A 233 -1.38 -12.20 -19.99
CA LYS A 233 -2.35 -12.74 -20.90
C LYS A 233 -3.76 -12.51 -20.39
N LEU A 234 -3.96 -12.74 -19.10
CA LEU A 234 -5.26 -12.51 -18.47
C LEU A 234 -5.65 -11.02 -18.56
N ILE A 235 -4.70 -10.13 -18.30
CA ILE A 235 -4.97 -8.68 -18.41
C ILE A 235 -5.41 -8.32 -19.84
N LEU A 236 -4.60 -8.71 -20.82
CA LEU A 236 -4.84 -8.36 -22.21
C LEU A 236 -6.18 -8.89 -22.76
N ARG A 237 -6.67 -10.02 -22.25
CA ARG A 237 -7.98 -10.52 -22.70
C ARG A 237 -9.13 -9.58 -22.29
N LEU A 238 -8.99 -8.89 -21.17
CA LEU A 238 -9.99 -7.90 -20.77
C LEU A 238 -9.80 -6.59 -21.54
N VAL A 239 -8.58 -6.07 -21.50
CA VAL A 239 -8.34 -4.69 -21.90
C VAL A 239 -7.88 -4.54 -23.34
N GLY A 240 -7.65 -5.68 -24.00
CA GLY A 240 -7.19 -5.70 -25.38
C GLY A 240 -5.68 -5.67 -25.43
N THR A 241 -5.13 -6.22 -26.51
CA THR A 241 -3.70 -6.06 -26.77
C THR A 241 -3.46 -4.57 -27.11
N PRO A 242 -2.21 -4.08 -26.94
CA PRO A 242 -1.91 -2.67 -27.23
C PRO A 242 -2.33 -2.17 -28.62
N GLY A 243 -2.92 -0.99 -28.65
CA GLY A 243 -3.16 -0.29 -29.91
C GLY A 243 -1.87 0.35 -30.37
N ALA A 244 -1.91 0.94 -31.57
CA ALA A 244 -0.72 1.52 -32.20
C ALA A 244 -0.08 2.65 -31.38
N GLU A 245 -0.89 3.49 -30.75
CA GLU A 245 -0.34 4.60 -29.97
C GLU A 245 0.53 4.08 -28.81
N LEU A 246 0.02 3.08 -28.09
CA LEU A 246 0.79 2.45 -27.00
C LEU A 246 1.99 1.65 -27.49
N LEU A 247 1.82 0.90 -28.58
CA LEU A 247 2.93 0.12 -29.13
C LEU A 247 4.14 1.01 -29.44
N LYS A 248 3.87 2.21 -29.95
CA LYS A 248 4.95 3.17 -30.29
C LYS A 248 5.78 3.55 -29.07
N LYS A 249 5.24 3.35 -27.87
CA LYS A 249 5.88 3.77 -26.65
C LYS A 249 6.75 2.71 -25.97
N ILE A 250 6.82 1.51 -26.58
CA ILE A 250 7.57 0.41 -25.99
C ILE A 250 8.95 0.37 -26.61
N SER A 251 9.98 0.71 -25.82
CA SER A 251 11.36 0.70 -26.29
C SER A 251 11.86 -0.73 -26.50
N SER A 252 11.55 -1.62 -25.55
CA SER A 252 12.11 -2.97 -25.53
C SER A 252 11.65 -3.78 -26.73
N GLU A 253 12.64 -4.20 -27.52
CA GLU A 253 12.45 -5.10 -28.66
C GLU A 253 11.91 -6.45 -28.20
N SER A 254 12.53 -7.03 -27.17
CA SER A 254 12.06 -8.29 -26.58
C SER A 254 10.61 -8.20 -26.08
N ALA A 255 10.27 -7.11 -25.40
CA ALA A 255 8.91 -6.87 -24.93
C ALA A 255 7.90 -6.76 -26.06
N ARG A 256 8.29 -6.07 -27.13
CA ARG A 256 7.41 -5.89 -28.29
C ARG A 256 7.26 -7.16 -29.08
N ASN A 257 8.35 -7.90 -29.25
CA ASN A 257 8.29 -9.19 -29.92
C ASN A 257 7.23 -10.07 -29.26
N TYR A 258 7.22 -10.08 -27.94
CA TYR A 258 6.27 -10.88 -27.20
C TYR A 258 4.83 -10.41 -27.35
N ILE A 259 4.58 -9.13 -27.06
CA ILE A 259 3.25 -8.53 -27.14
C ILE A 259 2.65 -8.67 -28.54
N GLN A 260 3.41 -8.23 -29.54
CA GLN A 260 2.97 -8.26 -30.93
C GLN A 260 2.89 -9.70 -31.50
N SER A 261 3.49 -10.66 -30.79
CA SER A 261 3.39 -12.07 -31.15
C SER A 261 2.16 -12.75 -30.57
N LEU A 262 1.49 -12.10 -29.63
CA LEU A 262 0.24 -12.64 -29.08
C LEU A 262 -0.87 -12.43 -30.09
N THR A 263 -1.86 -13.33 -30.07
CA THR A 263 -3.06 -13.17 -30.88
C THR A 263 -3.73 -11.89 -30.41
N GLN A 264 -4.10 -11.02 -31.36
CA GLN A 264 -4.65 -9.72 -31.00
C GLN A 264 -6.03 -9.89 -30.40
N MET A 265 -6.32 -9.12 -29.36
CA MET A 265 -7.60 -9.20 -28.71
C MET A 265 -8.20 -7.81 -28.58
N PRO A 266 -9.51 -7.71 -28.82
CA PRO A 266 -10.16 -6.43 -28.59
C PRO A 266 -10.38 -6.17 -27.11
N LYS A 267 -10.49 -4.90 -26.75
CA LYS A 267 -10.93 -4.52 -25.42
C LYS A 267 -12.36 -5.02 -25.25
N MET A 268 -12.65 -5.65 -24.12
CA MET A 268 -14.00 -6.15 -23.90
C MET A 268 -14.93 -5.01 -23.52
N ASN A 269 -16.23 -5.28 -23.57
CA ASN A 269 -17.22 -4.34 -23.12
C ASN A 269 -17.38 -4.53 -21.60
N PHE A 270 -16.93 -3.53 -20.85
CA PHE A 270 -16.94 -3.60 -19.37
C PHE A 270 -18.37 -3.70 -18.83
N ALA A 271 -19.30 -3.00 -19.47
CA ALA A 271 -20.74 -3.08 -19.14
C ALA A 271 -21.27 -4.51 -19.19
N ASN A 272 -20.68 -5.34 -20.05
CA ASN A 272 -21.01 -6.75 -20.12
C ASN A 272 -20.24 -7.64 -19.14
N VAL A 273 -18.94 -7.38 -18.99
CA VAL A 273 -18.11 -8.16 -18.05
C VAL A 273 -18.57 -7.99 -16.59
N PHE A 274 -18.92 -6.76 -16.22
CA PHE A 274 -19.40 -6.44 -14.87
C PHE A 274 -20.93 -6.25 -14.88
N ILE A 275 -21.59 -7.08 -15.69
CA ILE A 275 -23.04 -7.05 -16.01
C ILE A 275 -24.06 -6.40 -15.04
N GLY A 276 -23.95 -6.65 -13.75
CA GLY A 276 -25.02 -6.24 -12.83
C GLY A 276 -24.61 -5.09 -11.92
N ALA A 277 -23.40 -4.58 -12.13
CA ALA A 277 -22.84 -3.54 -11.28
C ALA A 277 -23.47 -2.18 -11.59
N ASN A 278 -23.37 -1.29 -10.62
CA ASN A 278 -23.70 0.12 -10.82
C ASN A 278 -22.99 0.61 -12.08
N PRO A 279 -23.75 1.18 -13.06
CA PRO A 279 -23.12 1.70 -14.28
C PRO A 279 -22.06 2.78 -14.04
N LEU A 280 -22.16 3.50 -12.93
CA LEU A 280 -21.08 4.41 -12.49
C LEU A 280 -19.81 3.65 -12.08
N ALA A 281 -19.99 2.52 -11.41
CA ALA A 281 -18.86 1.67 -11.03
C ALA A 281 -18.16 1.14 -12.28
N VAL A 282 -18.95 0.66 -13.24
CA VAL A 282 -18.41 0.19 -14.50
C VAL A 282 -17.61 1.31 -15.21
N ASP A 283 -18.16 2.52 -15.26
CA ASP A 283 -17.50 3.66 -15.90
C ASP A 283 -16.17 3.97 -15.25
N LEU A 284 -16.16 4.03 -13.92
CA LEU A 284 -14.90 4.27 -13.20
C LEU A 284 -13.90 3.17 -13.49
N LEU A 285 -14.36 1.92 -13.44
CA LEU A 285 -13.51 0.78 -13.75
C LEU A 285 -12.80 0.92 -15.10
N GLU A 286 -13.52 1.30 -16.15
CA GLU A 286 -12.86 1.41 -17.45
C GLU A 286 -11.88 2.58 -17.51
N LYS A 287 -12.04 3.59 -16.65
CA LYS A 287 -11.09 4.71 -16.59
C LYS A 287 -9.82 4.40 -15.78
N MET A 288 -9.95 3.43 -14.88
CA MET A 288 -8.86 2.95 -14.06
C MET A 288 -8.08 1.84 -14.76
N LEU A 289 -8.78 1.00 -15.50
CA LEU A 289 -8.15 -0.16 -16.11
C LEU A 289 -7.81 0.07 -17.59
N VAL A 290 -7.38 1.28 -17.92
CA VAL A 290 -6.88 1.58 -19.27
C VAL A 290 -5.48 1.05 -19.40
N LEU A 291 -5.20 0.33 -20.49
CA LEU A 291 -3.92 -0.32 -20.64
C LEU A 291 -2.81 0.72 -20.62
N ASP A 292 -2.90 1.70 -21.50
CA ASP A 292 -1.89 2.75 -21.59
C ASP A 292 -1.93 3.61 -20.33
N SER A 293 -0.87 3.51 -19.52
CA SER A 293 -0.82 4.21 -18.24
C SER A 293 -0.92 5.74 -18.35
N ASP A 294 -0.57 6.29 -19.50
CA ASP A 294 -0.69 7.73 -19.72
C ASP A 294 -2.16 8.18 -19.83
N LYS A 295 -3.07 7.23 -20.05
CA LYS A 295 -4.47 7.54 -20.26
C LYS A 295 -5.33 7.16 -19.06
N ARG A 296 -4.68 6.67 -18.01
CA ARG A 296 -5.36 6.15 -16.83
C ARG A 296 -5.72 7.32 -15.91
N ILE A 297 -6.88 7.24 -15.26
CA ILE A 297 -7.36 8.30 -14.37
C ILE A 297 -6.42 8.40 -13.17
N THR A 298 -6.23 9.63 -12.66
CA THR A 298 -5.42 9.84 -11.45
C THR A 298 -6.31 9.71 -10.24
N ALA A 299 -5.70 9.60 -9.06
CA ALA A 299 -6.46 9.48 -7.80
C ALA A 299 -7.34 10.72 -7.57
N ALA A 300 -6.79 11.90 -7.81
CA ALA A 300 -7.55 13.15 -7.63
C ALA A 300 -8.75 13.21 -8.59
N GLN A 301 -8.53 12.85 -9.84
CA GLN A 301 -9.58 12.82 -10.85
C GLN A 301 -10.67 11.80 -10.51
N ALA A 302 -10.25 10.64 -9.99
CA ALA A 302 -11.18 9.59 -9.62
C ALA A 302 -12.07 10.02 -8.47
N LEU A 303 -11.52 10.74 -7.52
CA LEU A 303 -12.30 11.24 -6.38
C LEU A 303 -13.46 12.12 -6.85
N ALA A 304 -13.27 12.82 -7.96
CA ALA A 304 -14.28 13.71 -8.53
C ALA A 304 -15.31 12.99 -9.42
N HIS A 305 -15.11 11.69 -9.66
CA HIS A 305 -16.01 10.88 -10.49
C HIS A 305 -17.34 10.76 -9.77
N ALA A 306 -18.42 10.79 -10.55
CA ALA A 306 -19.78 10.78 -10.03
C ALA A 306 -20.10 9.58 -9.16
N TYR A 307 -19.36 8.48 -9.31
CA TYR A 307 -19.54 7.31 -8.44
C TYR A 307 -19.40 7.69 -6.97
N PHE A 308 -18.55 8.68 -6.66
CA PHE A 308 -18.31 9.07 -5.27
C PHE A 308 -19.07 10.31 -4.80
N ALA A 309 -20.14 10.67 -5.52
CA ALA A 309 -20.95 11.86 -5.22
C ALA A 309 -21.31 12.00 -3.76
N GLN A 310 -21.72 10.89 -3.13
CA GLN A 310 -22.15 10.93 -1.73
C GLN A 310 -21.02 11.13 -0.71
N TYR A 311 -19.77 10.93 -1.13
CA TYR A 311 -18.60 11.07 -0.25
C TYR A 311 -17.66 12.25 -0.59
N HIS A 312 -17.58 12.63 -1.86
CA HIS A 312 -16.54 13.58 -2.33
C HIS A 312 -16.68 14.99 -1.75
N ASP A 313 -15.59 15.50 -1.19
CA ASP A 313 -15.49 16.90 -0.74
C ASP A 313 -14.05 17.39 -1.00
N PRO A 314 -13.85 18.32 -1.95
CA PRO A 314 -12.49 18.75 -2.30
C PRO A 314 -11.76 19.43 -1.13
N ASP A 315 -12.52 20.08 -0.26
CA ASP A 315 -12.00 20.73 0.95
C ASP A 315 -11.62 19.74 2.05
N ASP A 316 -11.95 18.46 1.86
CA ASP A 316 -11.63 17.43 2.86
C ASP A 316 -10.86 16.25 2.26
N GLU A 317 -10.05 16.51 1.24
CA GLU A 317 -9.19 15.54 0.59
C GLU A 317 -7.79 16.14 0.50
N PRO A 318 -7.09 16.20 1.64
CA PRO A 318 -5.82 16.91 1.72
C PRO A 318 -4.68 16.28 0.95
N VAL A 319 -3.75 17.17 0.60
CA VAL A 319 -2.49 16.81 -0.03
C VAL A 319 -1.42 16.78 1.07
N ALA A 320 -0.31 16.08 0.79
CA ALA A 320 0.80 15.93 1.72
C ALA A 320 1.80 17.09 1.67
N ASP A 321 2.40 17.40 2.82
CA ASP A 321 3.56 18.28 2.85
C ASP A 321 4.67 17.68 1.96
N PRO A 322 5.53 18.54 1.39
CA PRO A 322 6.73 18.08 0.67
C PRO A 322 7.52 16.99 1.41
N TYR A 323 7.86 15.92 0.69
CA TYR A 323 8.62 14.78 1.23
C TYR A 323 10.01 14.66 0.57
N ASP A 324 11.04 14.74 1.39
CA ASP A 324 12.42 14.68 0.90
C ASP A 324 12.84 13.24 0.57
N GLN A 325 12.79 12.88 -0.70
CA GLN A 325 13.18 11.53 -1.11
C GLN A 325 14.63 11.45 -1.59
N SER A 326 15.43 12.51 -1.38
CA SER A 326 16.78 12.57 -1.95
C SER A 326 17.69 11.43 -1.46
N PHE A 327 17.48 10.97 -0.23
CA PHE A 327 18.23 9.85 0.33
C PHE A 327 18.16 8.59 -0.56
N GLU A 328 17.10 8.46 -1.35
CA GLU A 328 16.91 7.28 -2.20
C GLU A 328 18.02 7.09 -3.21
N SER A 329 18.62 8.20 -3.62
CA SER A 329 19.69 8.18 -4.59
C SER A 329 21.07 7.87 -3.97
N ARG A 330 21.14 7.84 -2.63
CA ARG A 330 22.41 7.77 -1.96
C ARG A 330 22.91 6.35 -1.65
N ASP A 331 24.22 6.19 -1.79
CA ASP A 331 24.95 4.96 -1.52
C ASP A 331 25.81 5.16 -0.28
N LEU A 332 25.32 4.65 0.83
CA LEU A 332 25.87 4.92 2.15
C LEU A 332 26.25 3.62 2.85
N LEU A 333 27.09 3.72 3.87
CA LEU A 333 27.48 2.56 4.68
C LEU A 333 26.38 2.15 5.65
N ILE A 334 26.41 0.88 6.10
CA ILE A 334 25.40 0.42 7.07
C ILE A 334 25.35 1.34 8.27
N ASP A 335 26.52 1.70 8.82
CA ASP A 335 26.56 2.53 10.02
C ASP A 335 26.00 3.93 9.81
N GLU A 336 26.08 4.41 8.58
CA GLU A 336 25.51 5.71 8.25
C GLU A 336 23.98 5.67 8.22
N TRP A 337 23.42 4.65 7.54
CA TRP A 337 21.98 4.40 7.58
C TRP A 337 21.50 4.14 8.98
N LYS A 338 22.26 3.39 9.76
CA LYS A 338 21.93 3.14 11.16
C LYS A 338 21.87 4.44 11.97
N SER A 339 22.88 5.30 11.81
CA SER A 339 22.92 6.54 12.59
C SER A 339 21.81 7.50 12.17
N LEU A 340 21.49 7.51 10.87
CA LEU A 340 20.40 8.32 10.35
C LEU A 340 19.09 7.85 10.94
N THR A 341 18.90 6.53 11.03
CA THR A 341 17.68 5.96 11.64
C THR A 341 17.59 6.31 13.12
N TYR A 342 18.70 6.14 13.84
CA TYR A 342 18.74 6.54 15.26
C TYR A 342 18.32 8.00 15.44
N ASP A 343 18.89 8.90 14.64
CA ASP A 343 18.51 10.32 14.68
C ASP A 343 17.01 10.51 14.55
N GLU A 344 16.39 9.77 13.63
CA GLU A 344 14.96 9.87 13.40
C GLU A 344 14.09 9.29 14.52
N VAL A 345 14.56 8.25 15.21
CA VAL A 345 13.87 7.74 16.40
C VAL A 345 13.88 8.80 17.51
N ILE A 346 15.06 9.35 17.79
CA ILE A 346 15.23 10.34 18.86
C ILE A 346 14.50 11.66 18.59
N SER A 347 14.41 12.10 17.33
CA SER A 347 13.70 13.35 17.00
C SER A 347 12.16 13.24 16.87
N PHE A 348 11.63 12.02 16.99
CA PHE A 348 10.21 11.80 16.79
C PHE A 348 9.40 12.63 17.78
N VAL A 349 8.38 13.30 17.25
CA VAL A 349 7.42 14.03 18.07
C VAL A 349 6.03 13.41 17.85
N PRO A 350 5.46 12.80 18.90
CA PRO A 350 4.16 12.15 18.71
C PRO A 350 3.05 13.15 18.33
N PRO A 351 1.94 12.66 17.75
CA PRO A 351 0.83 13.49 17.25
C PRO A 351 0.23 14.50 18.22
N PRO A 352 0.35 14.29 19.55
CA PRO A 352 0.31 15.44 20.45
C PRO A 352 1.34 16.52 20.10
#